data_6RT2
#
_entry.id   6RT2
#
_cell.length_a   35.780
_cell.length_b   115.520
_cell.length_c   38.870
_cell.angle_alpha   90.000
_cell.angle_beta   101.390
_cell.angle_gamma   90.000
#
_symmetry.space_group_name_H-M   'P 1 21 1'
#
loop_
_entity.id
_entity.type
_entity.pdbx_description
1 polymer 'Peroxin 14'
2 non-polymer '(3~{S})-3-[[1-(2-hydroxyethyl)-5-[(4-methoxynaphthalen-1-yl)methyl]-6,7-dihydro-4~{H}-pyrazolo[4,3-c]pyridin-3-yl]carbonylamino]-3-phenyl-propanoic acid'
3 non-polymer 'SULFATE ION'
4 non-polymer BETA-MERCAPTOETHANOL
5 water water
#
_entity_poly.entity_id   1
_entity_poly.type   'polypeptide(L)'
_entity_poly.pdbx_seq_one_letter_code
;MWHTHSEREKRVSNAVEFLLDSRVRRTPTSSKVHFLKSKGLSAEEICEAFTKVGQPKTLNEIKRILS
;
_entity_poly.pdbx_strand_id   A,B,C,D
#
# COMPACT_ATOMS: atom_id res chain seq x y z
N HIS A 5 2.84 -19.27 -1.08
CA HIS A 5 1.94 -18.80 -2.14
C HIS A 5 2.56 -17.86 -3.22
N SER A 6 2.10 -18.00 -4.42
CA SER A 6 2.43 -16.99 -5.48
C SER A 6 1.75 -15.67 -5.15
N GLU A 7 2.26 -14.63 -5.80
CA GLU A 7 1.59 -13.29 -5.61
C GLU A 7 0.15 -13.35 -6.08
N ARG A 8 -0.16 -14.06 -7.13
CA ARG A 8 -1.54 -14.18 -7.53
C ARG A 8 -2.38 -14.84 -6.51
N GLU A 9 -1.87 -15.93 -5.90
CA GLU A 9 -2.60 -16.64 -4.86
C GLU A 9 -2.82 -15.79 -3.66
N LYS A 10 -1.86 -14.94 -3.31
CA LYS A 10 -2.08 -14.03 -2.20
C LYS A 10 -3.20 -12.99 -2.50
N ARG A 11 -3.24 -12.49 -3.74
CA ARG A 11 -4.32 -11.57 -4.15
C ARG A 11 -5.65 -12.26 -4.00
N VAL A 12 -5.78 -13.48 -4.52
CA VAL A 12 -7.05 -14.16 -4.45
C VAL A 12 -7.44 -14.52 -3.05
N SER A 13 -6.51 -15.00 -2.24
CA SER A 13 -6.72 -15.33 -0.84
CA SER A 13 -6.78 -15.36 -0.86
C SER A 13 -7.20 -14.11 -0.10
N ASN A 14 -6.53 -12.98 -0.27
CA ASN A 14 -6.96 -11.78 0.40
C ASN A 14 -8.37 -11.39 0.02
N ALA A 15 -8.71 -11.54 -1.23
CA ALA A 15 -10.07 -11.25 -1.72
C ALA A 15 -11.11 -12.15 -1.10
N VAL A 16 -10.80 -13.47 -0.97
CA VAL A 16 -11.67 -14.40 -0.32
C VAL A 16 -11.98 -13.96 1.09
N GLU A 17 -10.93 -13.62 1.86
CA GLU A 17 -11.11 -13.26 3.26
C GLU A 17 -12.07 -12.02 3.33
N PHE A 18 -11.77 -11.07 2.41
CA PHE A 18 -12.60 -9.87 2.33
C PHE A 18 -14.02 -10.18 2.09
N LEU A 19 -14.32 -10.99 1.06
CA LEU A 19 -15.68 -11.26 0.67
C LEU A 19 -16.48 -12.04 1.67
N LEU A 20 -15.83 -12.76 2.57
CA LEU A 20 -16.51 -13.52 3.61
C LEU A 20 -16.95 -12.67 4.78
N ASP A 21 -16.31 -11.48 4.93
CA ASP A 21 -16.68 -10.62 6.13
C ASP A 21 -18.21 -10.23 6.06
N SER A 22 -18.81 -10.35 7.23
CA SER A 22 -20.24 -10.14 7.34
CA SER A 22 -20.25 -10.14 7.32
C SER A 22 -20.77 -8.76 6.88
N ARG A 23 -19.95 -7.76 7.09
CA ARG A 23 -20.36 -6.40 6.64
C ARG A 23 -20.19 -6.26 5.22
N VAL A 24 -19.07 -6.91 4.73
CA VAL A 24 -18.85 -6.92 3.33
C VAL A 24 -19.93 -7.59 2.49
N ARG A 25 -20.35 -8.73 3.06
CA ARG A 25 -21.42 -9.46 2.39
C ARG A 25 -22.69 -8.64 2.15
N ARG A 26 -22.90 -7.59 2.95
CA ARG A 26 -24.07 -6.68 2.80
C ARG A 26 -23.74 -5.50 1.81
N THR A 27 -22.53 -5.34 1.34
CA THR A 27 -22.12 -4.30 0.43
C THR A 27 -22.49 -4.84 -0.98
N PRO A 28 -22.90 -3.98 -1.92
CA PRO A 28 -23.28 -4.46 -3.21
C PRO A 28 -22.05 -5.02 -3.87
N THR A 29 -22.36 -5.91 -4.88
CA THR A 29 -21.31 -6.41 -5.74
C THR A 29 -20.45 -5.42 -6.42
N SER A 30 -21.09 -4.37 -7.00
CA SER A 30 -20.33 -3.44 -7.71
CA SER A 30 -20.32 -3.42 -7.71
C SER A 30 -19.14 -2.77 -6.91
N SER A 31 -19.53 -2.26 -5.73
CA SER A 31 -18.52 -1.66 -4.87
CA SER A 31 -18.65 -1.67 -4.76
C SER A 31 -17.41 -2.66 -4.46
N LYS A 32 -17.79 -3.91 -4.22
CA LYS A 32 -16.70 -4.90 -3.99
C LYS A 32 -15.80 -5.21 -5.12
N VAL A 33 -16.33 -5.20 -6.32
CA VAL A 33 -15.56 -5.36 -7.51
C VAL A 33 -14.55 -4.24 -7.77
N HIS A 34 -15.11 -2.98 -7.64
CA HIS A 34 -14.24 -1.83 -7.75
C HIS A 34 -13.17 -1.77 -6.69
N PHE A 35 -13.54 -2.17 -5.49
CA PHE A 35 -12.57 -2.32 -4.37
C PHE A 35 -11.45 -3.27 -4.72
N LEU A 36 -11.86 -4.48 -5.17
CA LEU A 36 -10.91 -5.53 -5.43
C LEU A 36 -9.95 -5.11 -6.64
N LYS A 37 -10.50 -4.45 -7.65
CA LYS A 37 -9.64 -3.98 -8.71
C LYS A 37 -8.63 -2.95 -8.22
N SER A 38 -9.10 -2.11 -7.25
CA SER A 38 -8.19 -1.07 -6.67
CA SER A 38 -8.16 -1.10 -6.65
C SER A 38 -7.08 -1.76 -5.91
N LYS A 39 -7.31 -2.95 -5.34
CA LYS A 39 -6.31 -3.70 -4.70
C LYS A 39 -5.31 -4.41 -5.53
N GLY A 40 -5.51 -4.36 -6.93
CA GLY A 40 -4.71 -4.97 -7.87
C GLY A 40 -5.00 -6.32 -8.50
N LEU A 41 -6.32 -6.69 -8.28
CA LEU A 41 -6.86 -7.90 -8.81
C LEU A 41 -7.36 -7.70 -10.23
N SER A 42 -7.05 -8.57 -11.11
CA SER A 42 -7.61 -8.57 -12.48
C SER A 42 -9.09 -9.01 -12.36
N ALA A 43 -9.82 -8.81 -13.47
CA ALA A 43 -11.19 -9.32 -13.51
C ALA A 43 -11.29 -10.79 -13.33
N GLU A 44 -10.36 -11.53 -13.97
CA GLU A 44 -10.38 -12.95 -13.73
C GLU A 44 -10.11 -13.37 -12.27
N GLU A 45 -9.18 -12.70 -11.62
CA GLU A 45 -8.89 -13.01 -10.23
C GLU A 45 -10.09 -12.71 -9.36
N ILE A 46 -10.78 -11.61 -9.65
CA ILE A 46 -11.98 -11.24 -8.88
C ILE A 46 -13.06 -12.33 -9.09
N CYS A 47 -13.24 -12.72 -10.36
CA CYS A 47 -14.22 -13.79 -10.64
C CYS A 47 -13.86 -15.05 -9.93
N GLU A 48 -12.58 -15.41 -9.82
CA GLU A 48 -12.17 -16.60 -9.08
CA GLU A 48 -12.18 -16.59 -9.10
C GLU A 48 -12.52 -16.51 -7.61
N ALA A 49 -12.23 -15.34 -6.98
CA ALA A 49 -12.52 -15.18 -5.58
C ALA A 49 -14.03 -15.32 -5.29
N PHE A 50 -14.89 -14.64 -6.10
CA PHE A 50 -16.32 -14.81 -5.92
C PHE A 50 -16.79 -16.23 -5.99
N THR A 51 -16.21 -17.00 -6.90
CA THR A 51 -16.57 -18.45 -7.00
C THR A 51 -16.04 -19.21 -5.80
N LYS A 52 -14.88 -18.92 -5.26
CA LYS A 52 -14.29 -19.64 -4.10
CA LYS A 52 -14.30 -19.63 -4.13
C LYS A 52 -15.16 -19.46 -2.87
N VAL A 53 -15.86 -18.37 -2.70
CA VAL A 53 -16.69 -18.16 -1.55
C VAL A 53 -18.16 -18.54 -1.76
N GLY A 54 -18.44 -19.13 -2.94
CA GLY A 54 -19.81 -19.57 -3.19
C GLY A 54 -20.78 -18.47 -3.52
N GLN A 55 -20.25 -17.37 -4.07
CA GLN A 55 -21.03 -16.20 -4.47
C GLN A 55 -20.73 -15.96 -6.00
N PRO A 56 -20.83 -16.97 -6.82
CA PRO A 56 -20.27 -16.91 -8.16
C PRO A 56 -20.96 -15.78 -9.02
N LYS A 57 -20.12 -15.09 -9.80
CA LYS A 57 -20.50 -14.04 -10.76
CA LYS A 57 -20.50 -14.04 -10.76
C LYS A 57 -19.92 -14.46 -12.12
N THR A 58 -20.61 -14.16 -13.22
CA THR A 58 -19.99 -14.34 -14.49
C THR A 58 -18.82 -13.38 -14.65
N LEU A 59 -17.87 -13.78 -15.54
CA LEU A 59 -16.82 -12.80 -15.95
C LEU A 59 -17.43 -11.65 -16.60
N ASN A 60 -18.47 -11.85 -17.49
CA ASN A 60 -19.05 -10.73 -18.12
C ASN A 60 -19.64 -9.73 -17.14
N GLU A 61 -20.26 -10.21 -16.01
CA GLU A 61 -20.83 -9.22 -15.01
C GLU A 61 -19.70 -8.36 -14.45
N ILE A 62 -18.59 -9.06 -14.13
CA ILE A 62 -17.48 -8.33 -13.53
CA ILE A 62 -17.46 -8.38 -13.49
C ILE A 62 -16.91 -7.35 -14.48
N LYS A 63 -16.68 -7.78 -15.72
CA LYS A 63 -16.16 -6.83 -16.73
C LYS A 63 -17.20 -5.67 -16.99
N ARG A 64 -18.50 -5.92 -16.93
CA ARG A 64 -19.49 -4.81 -17.10
C ARG A 64 -19.35 -3.81 -15.98
N ILE A 65 -19.14 -4.27 -14.72
CA ILE A 65 -18.91 -3.31 -13.61
C ILE A 65 -17.76 -2.53 -13.89
N LEU A 66 -16.66 -3.10 -14.32
CA LEU A 66 -15.40 -2.46 -14.47
C LEU A 66 -15.25 -1.54 -15.71
N SER A 67 -16.22 -1.62 -16.59
CA SER A 67 -16.11 -1.10 -17.98
C SER A 67 -16.26 0.41 -17.91
N MET B 1 -4.16 6.80 -20.58
CA MET B 1 -3.46 5.51 -20.75
C MET B 1 -3.72 4.59 -19.50
N TRP B 2 -3.48 5.11 -18.30
CA TRP B 2 -3.47 4.34 -17.00
C TRP B 2 -4.72 3.54 -16.72
N HIS B 3 -5.87 4.19 -16.82
CA HIS B 3 -7.17 3.53 -16.61
C HIS B 3 -7.38 2.29 -17.46
N THR B 4 -6.71 2.24 -18.61
CA THR B 4 -6.84 1.12 -19.57
C THR B 4 -5.82 0.01 -19.44
N HIS B 5 -4.77 0.25 -18.61
CA HIS B 5 -3.79 -0.82 -18.35
C HIS B 5 -4.39 -1.94 -17.54
N SER B 6 -3.96 -3.15 -17.81
CA SER B 6 -4.18 -4.27 -16.89
C SER B 6 -3.48 -4.10 -15.53
N GLU B 7 -4.03 -4.81 -14.52
CA GLU B 7 -3.33 -4.66 -13.25
C GLU B 7 -1.86 -5.13 -13.32
N ARG B 8 -1.60 -6.17 -14.13
CA ARG B 8 -0.25 -6.59 -14.36
C ARG B 8 0.64 -5.46 -14.98
N GLU B 9 0.10 -4.80 -15.99
CA GLU B 9 0.79 -3.76 -16.60
C GLU B 9 1.11 -2.67 -15.67
N LYS B 10 0.17 -2.33 -14.75
CA LYS B 10 0.37 -1.33 -13.76
C LYS B 10 1.53 -1.70 -12.74
N ARG B 11 1.58 -2.97 -12.35
CA ARG B 11 2.65 -3.49 -11.46
CA ARG B 11 2.68 -3.37 -11.48
C ARG B 11 4.05 -3.20 -12.18
N VAL B 12 4.08 -3.68 -13.45
CA VAL B 12 5.32 -3.55 -14.17
C VAL B 12 5.73 -2.13 -14.44
N SER B 13 4.75 -1.29 -14.72
N SER B 13 4.75 -1.29 -14.72
CA SER B 13 5.03 0.16 -14.95
CA SER B 13 5.08 0.13 -14.94
C SER B 13 5.56 0.82 -13.72
C SER B 13 5.56 0.83 -13.71
N ASN B 14 4.95 0.48 -12.56
CA ASN B 14 5.43 1.03 -11.32
C ASN B 14 6.88 0.62 -11.05
N ALA B 15 7.18 -0.62 -11.31
CA ALA B 15 8.53 -1.13 -11.14
C ALA B 15 9.54 -0.46 -12.01
N VAL B 16 9.10 -0.22 -13.29
CA VAL B 16 10.00 0.52 -14.21
C VAL B 16 10.34 1.86 -13.71
N GLU B 17 9.35 2.59 -13.30
CA GLU B 17 9.56 3.96 -12.81
CA GLU B 17 9.57 3.95 -12.81
C GLU B 17 10.46 3.94 -11.58
N PHE B 18 10.24 2.98 -10.65
CA PHE B 18 11.16 2.80 -9.54
C PHE B 18 12.59 2.60 -9.93
N LEU B 19 12.78 1.61 -10.85
CA LEU B 19 14.10 1.24 -11.24
C LEU B 19 14.91 2.41 -11.91
N LEU B 20 14.17 3.31 -12.55
CA LEU B 20 14.85 4.47 -13.19
C LEU B 20 15.20 5.56 -12.27
N ASP B 21 14.82 5.56 -11.01
CA ASP B 21 15.21 6.65 -10.05
C ASP B 21 16.66 6.56 -9.82
N SER B 22 17.29 7.75 -9.85
CA SER B 22 18.79 7.79 -9.82
C SER B 22 19.50 7.17 -8.53
N ARG B 23 18.81 7.20 -7.50
CA ARG B 23 19.33 6.58 -6.22
C ARG B 23 19.09 5.14 -6.21
N VAL B 24 17.95 4.69 -6.81
CA VAL B 24 17.61 3.32 -6.95
C VAL B 24 18.56 2.58 -7.80
N ARG B 25 18.95 3.31 -8.92
CA ARG B 25 19.93 2.71 -9.80
CA ARG B 25 19.93 2.70 -9.82
C ARG B 25 21.23 2.32 -9.12
N ARG B 26 21.56 3.06 -8.06
CA ARG B 26 22.81 2.77 -7.38
C ARG B 26 22.67 1.67 -6.27
N THR B 27 21.41 1.21 -6.03
CA THR B 27 21.08 0.17 -5.06
C THR B 27 21.36 -1.16 -5.66
N PRO B 28 21.74 -2.19 -5.03
CA PRO B 28 22.01 -3.45 -5.59
C PRO B 28 20.77 -4.15 -6.09
N THR B 29 20.98 -4.99 -7.13
CA THR B 29 19.87 -5.76 -7.68
C THR B 29 19.14 -6.55 -6.62
N SER B 30 19.80 -7.29 -5.72
CA SER B 30 19.11 -8.15 -4.77
C SER B 30 18.08 -7.38 -3.95
N SER B 31 18.53 -6.22 -3.40
CA SER B 31 17.59 -5.38 -2.59
CA SER B 31 17.60 -5.43 -2.59
C SER B 31 16.41 -4.90 -3.36
N LYS B 32 16.65 -4.51 -4.63
CA LYS B 32 15.55 -4.10 -5.50
C LYS B 32 14.57 -5.20 -5.84
N VAL B 33 15.07 -6.40 -6.01
CA VAL B 33 14.22 -7.59 -6.24
C VAL B 33 13.36 -7.86 -5.03
N HIS B 34 14.00 -7.92 -3.85
CA HIS B 34 13.19 -8.12 -2.62
C HIS B 34 12.17 -7.06 -2.47
N PHE B 35 12.49 -5.81 -2.70
CA PHE B 35 11.58 -4.69 -2.57
C PHE B 35 10.43 -4.95 -3.52
N LEU B 36 10.69 -5.20 -4.78
CA LEU B 36 9.58 -5.41 -5.73
C LEU B 36 8.66 -6.57 -5.38
N LYS B 37 9.24 -7.64 -4.86
CA LYS B 37 8.39 -8.74 -4.35
CA LYS B 37 8.38 -8.74 -4.35
CA LYS B 37 8.36 -8.72 -4.36
C LYS B 37 7.50 -8.25 -3.21
N SER B 38 8.06 -7.41 -2.33
CA SER B 38 7.23 -6.88 -1.19
C SER B 38 6.17 -6.02 -1.67
N LYS B 39 6.21 -5.41 -2.89
CA LYS B 39 5.19 -4.61 -3.44
C LYS B 39 4.21 -5.44 -4.25
N GLY B 40 4.38 -6.73 -4.26
CA GLY B 40 3.38 -7.66 -4.86
C GLY B 40 3.69 -8.07 -6.23
N LEU B 41 4.89 -7.85 -6.73
CA LEU B 41 5.24 -8.36 -8.08
C LEU B 41 5.72 -9.77 -8.00
N SER B 42 5.34 -10.54 -9.05
CA SER B 42 5.87 -11.90 -9.26
C SER B 42 7.29 -11.83 -9.79
N ALA B 43 7.95 -12.97 -9.68
CA ALA B 43 9.31 -13.02 -10.32
C ALA B 43 9.33 -12.64 -11.83
N GLU B 44 8.31 -13.19 -12.51
CA GLU B 44 8.21 -12.87 -13.95
C GLU B 44 8.00 -11.39 -14.22
N GLU B 45 7.15 -10.73 -13.40
CA GLU B 45 6.92 -9.30 -13.56
CA GLU B 45 6.89 -9.30 -13.56
C GLU B 45 8.18 -8.49 -13.26
N ILE B 46 8.89 -8.93 -12.18
CA ILE B 46 10.15 -8.28 -11.85
C ILE B 46 11.18 -8.37 -13.03
N CYS B 47 11.23 -9.60 -13.57
CA CYS B 47 12.14 -9.83 -14.74
C CYS B 47 11.77 -8.88 -15.86
N GLU B 48 10.52 -8.81 -16.14
CA GLU B 48 10.06 -7.93 -17.24
CA GLU B 48 10.08 -7.96 -17.24
C GLU B 48 10.44 -6.49 -17.06
N ALA B 49 10.28 -6.00 -15.77
CA ALA B 49 10.69 -4.63 -15.49
C ALA B 49 12.12 -4.40 -15.69
N PHE B 50 13.03 -5.24 -15.19
CA PHE B 50 14.47 -5.10 -15.37
C PHE B 50 14.80 -5.02 -16.93
N THR B 51 14.20 -5.86 -17.64
CA THR B 51 14.54 -5.90 -19.14
C THR B 51 14.15 -4.57 -19.66
N LYS B 52 12.99 -4.09 -19.32
CA LYS B 52 12.54 -2.77 -19.85
CA LYS B 52 12.51 -2.78 -19.85
C LYS B 52 13.37 -1.62 -19.51
N VAL B 53 14.01 -1.54 -18.36
CA VAL B 53 14.93 -0.40 -18.16
C VAL B 53 16.35 -0.56 -18.64
N GLY B 54 16.55 -1.69 -19.37
CA GLY B 54 17.86 -1.84 -19.93
C GLY B 54 18.83 -2.33 -19.01
N GLN B 55 18.25 -3.07 -17.97
CA GLN B 55 19.16 -3.72 -17.02
C GLN B 55 18.79 -5.25 -16.94
N PRO B 56 18.73 -5.93 -18.06
CA PRO B 56 18.22 -7.29 -18.04
C PRO B 56 18.88 -8.17 -17.12
N LYS B 57 18.01 -8.97 -16.45
CA LYS B 57 18.45 -10.04 -15.64
C LYS B 57 17.78 -11.35 -16.08
N THR B 58 18.46 -12.45 -15.83
CA THR B 58 17.76 -13.73 -16.16
C THR B 58 16.64 -13.97 -15.18
N LEU B 59 15.60 -14.66 -15.61
CA LEU B 59 14.60 -15.11 -14.61
C LEU B 59 15.23 -15.99 -13.59
N ASN B 60 16.16 -16.81 -13.99
CA ASN B 60 16.88 -17.60 -12.99
C ASN B 60 17.57 -16.82 -11.89
N GLU B 61 18.21 -15.71 -12.22
CA GLU B 61 18.86 -14.86 -11.21
C GLU B 61 17.81 -14.24 -10.26
N ILE B 62 16.68 -13.83 -10.79
CA ILE B 62 15.60 -13.31 -9.94
CA ILE B 62 15.58 -13.28 -9.99
C ILE B 62 15.08 -14.35 -9.04
N LYS B 63 14.80 -15.52 -9.56
CA LYS B 63 14.28 -16.60 -8.70
C LYS B 63 15.36 -16.98 -7.63
N ARG B 64 16.65 -16.98 -7.98
CA ARG B 64 17.73 -17.30 -7.00
CA ARG B 64 17.63 -17.31 -6.94
C ARG B 64 17.63 -16.28 -5.84
N ILE B 65 17.49 -15.00 -6.13
CA ILE B 65 17.43 -13.95 -5.10
C ILE B 65 16.29 -14.24 -4.23
N LEU B 66 15.14 -14.57 -4.76
CA LEU B 66 13.92 -14.79 -4.03
C LEU B 66 13.78 -16.13 -3.27
N SER B 67 14.74 -17.00 -3.51
CA SER B 67 14.54 -18.43 -3.04
C SER B 67 14.89 -18.61 -1.59
N MET C 1 -0.44 2.35 23.87
CA MET C 1 1.01 2.70 24.04
CA MET C 1 1.01 2.72 24.03
C MET C 1 1.40 3.63 22.88
N TRP C 2 1.20 3.13 21.65
CA TRP C 2 1.41 3.87 20.36
C TRP C 2 0.78 5.24 20.26
N HIS C 3 -0.53 5.35 20.56
CA HIS C 3 -1.27 6.64 20.49
C HIS C 3 -0.69 7.75 21.38
N THR C 4 -0.01 7.36 22.46
CA THR C 4 0.73 8.20 23.37
C THR C 4 1.97 8.81 22.64
N HIS C 5 2.56 8.13 21.62
CA HIS C 5 3.83 8.59 21.12
C HIS C 5 3.61 9.87 20.34
N SER C 6 4.61 10.77 20.42
CA SER C 6 4.58 11.89 19.49
C SER C 6 4.75 11.48 18.08
N GLU C 7 4.46 12.36 17.11
CA GLU C 7 4.61 11.99 15.74
CA GLU C 7 4.61 12.01 15.74
C GLU C 7 6.08 11.64 15.42
N ARG C 8 7.03 12.39 16.04
CA ARG C 8 8.40 12.12 15.86
C ARG C 8 8.80 10.76 16.38
N GLU C 9 8.32 10.44 17.55
CA GLU C 9 8.56 9.09 18.09
C GLU C 9 8.00 8.00 17.21
N LYS C 10 6.84 8.18 16.63
CA LYS C 10 6.33 7.20 15.73
C LYS C 10 7.19 7.06 14.50
N ARG C 11 7.73 8.15 13.91
CA ARG C 11 8.59 8.07 12.76
C ARG C 11 9.82 7.22 13.11
N VAL C 12 10.44 7.54 14.29
CA VAL C 12 11.65 6.78 14.69
C VAL C 12 11.36 5.36 14.89
N SER C 13 10.27 5.05 15.58
CA SER C 13 9.86 3.68 15.83
C SER C 13 9.60 2.95 14.52
N ASN C 14 8.87 3.57 13.57
CA ASN C 14 8.65 2.92 12.32
C ASN C 14 9.99 2.65 11.65
N ALA C 15 10.94 3.55 11.69
CA ALA C 15 12.23 3.38 11.12
C ALA C 15 13.02 2.22 11.70
N VAL C 16 12.97 2.09 13.06
CA VAL C 16 13.58 0.98 13.73
C VAL C 16 13.07 -0.35 13.26
N GLU C 17 11.72 -0.47 13.22
CA GLU C 17 11.13 -1.76 12.82
CA GLU C 17 11.09 -1.70 12.81
C GLU C 17 11.55 -2.02 11.37
N PHE C 18 11.55 -1.04 10.52
CA PHE C 18 11.98 -1.21 9.15
C PHE C 18 13.39 -1.73 9.06
N LEU C 19 14.31 -1.10 9.85
CA LEU C 19 15.72 -1.50 9.80
C LEU C 19 16.03 -2.84 10.25
N LEU C 20 15.16 -3.41 11.13
CA LEU C 20 15.32 -4.78 11.59
C LEU C 20 14.89 -5.79 10.64
N ASP C 21 14.10 -5.47 9.60
CA ASP C 21 13.65 -6.49 8.68
C ASP C 21 14.86 -7.19 8.00
N SER C 22 14.77 -8.56 7.87
CA SER C 22 15.94 -9.23 7.42
C SER C 22 16.48 -8.87 5.98
N ARG C 23 15.50 -8.47 5.15
CA ARG C 23 15.87 -8.05 3.77
C ARG C 23 16.55 -6.71 3.82
N VAL C 24 15.97 -5.84 4.64
CA VAL C 24 16.48 -4.46 4.85
C VAL C 24 17.89 -4.49 5.43
N ARG C 25 18.13 -5.37 6.42
CA ARG C 25 19.50 -5.50 6.90
CA ARG C 25 19.51 -5.51 6.88
C ARG C 25 20.57 -5.74 5.83
N ARG C 26 20.19 -6.42 4.76
CA ARG C 26 21.08 -6.73 3.72
CA ARG C 26 21.07 -6.72 3.70
C ARG C 26 21.21 -5.60 2.66
N THR C 27 20.46 -4.55 2.79
CA THR C 27 20.39 -3.42 1.84
C THR C 27 21.42 -2.35 2.30
N PRO C 28 22.06 -1.66 1.43
CA PRO C 28 23.07 -0.69 1.81
C PRO C 28 22.43 0.46 2.61
N THR C 29 23.30 0.94 3.57
CA THR C 29 22.94 2.11 4.36
C THR C 29 22.36 3.29 3.56
N SER C 30 23.04 3.67 2.46
CA SER C 30 22.59 4.80 1.70
C SER C 30 21.16 4.65 1.12
N SER C 31 20.91 3.46 0.63
CA SER C 31 19.54 3.20 0.12
C SER C 31 18.50 3.32 1.20
N LYS C 32 18.81 2.86 2.43
CA LYS C 32 17.92 2.96 3.53
C LYS C 32 17.70 4.36 4.02
N VAL C 33 18.77 5.13 4.02
CA VAL C 33 18.72 6.54 4.32
C VAL C 33 17.80 7.31 3.40
N HIS C 34 18.03 7.11 2.10
CA HIS C 34 17.11 7.77 1.12
C HIS C 34 15.68 7.35 1.33
N PHE C 35 15.46 6.04 1.53
CA PHE C 35 14.14 5.56 1.79
C PHE C 35 13.51 6.28 2.97
N LEU C 36 14.24 6.31 4.10
CA LEU C 36 13.69 6.92 5.29
C LEU C 36 13.42 8.38 5.11
N LYS C 37 14.22 9.13 4.39
CA LYS C 37 13.87 10.50 4.06
CA LYS C 37 13.86 10.47 4.08
C LYS C 37 12.56 10.57 3.27
N SER C 38 12.38 9.64 2.37
CA SER C 38 11.20 9.69 1.56
C SER C 38 10.03 9.38 2.38
N LYS C 39 10.06 8.75 3.54
CA LYS C 39 8.92 8.59 4.47
C LYS C 39 8.81 9.77 5.44
N GLY C 40 9.54 10.83 5.26
CA GLY C 40 9.42 12.09 5.98
C GLY C 40 10.29 12.20 7.21
N LEU C 41 11.27 11.34 7.38
CA LEU C 41 12.25 11.47 8.52
C LEU C 41 13.27 12.51 8.23
N SER C 42 13.73 13.21 9.26
CA SER C 42 14.90 14.08 9.16
C SER C 42 16.17 13.32 9.35
N ALA C 43 17.28 13.92 9.05
CA ALA C 43 18.54 13.34 9.28
C ALA C 43 18.71 12.85 10.69
N GLU C 44 18.34 13.69 11.63
CA GLU C 44 18.49 13.35 13.02
CA GLU C 44 18.58 13.34 13.01
C GLU C 44 17.69 12.16 13.48
N GLU C 45 16.41 12.09 12.98
CA GLU C 45 15.56 10.97 13.26
C GLU C 45 16.13 9.66 12.77
N ILE C 46 16.63 9.74 11.48
CA ILE C 46 17.31 8.60 10.83
C ILE C 46 18.49 8.11 11.68
N CYS C 47 19.29 9.08 12.07
CA CYS C 47 20.48 8.74 12.91
C CYS C 47 20.07 8.01 14.23
N GLU C 48 19.02 8.47 14.81
CA GLU C 48 18.61 7.79 16.06
C GLU C 48 18.18 6.39 15.82
N ALA C 49 17.46 6.18 14.72
CA ALA C 49 17.02 4.83 14.42
C ALA C 49 18.14 3.88 14.22
N PHE C 50 19.20 4.30 13.46
CA PHE C 50 20.34 3.44 13.27
C PHE C 50 21.07 3.11 14.57
N THR C 51 21.14 4.09 15.41
CA THR C 51 21.81 3.79 16.73
C THR C 51 20.97 2.76 17.46
N LYS C 52 19.64 2.92 17.46
CA LYS C 52 18.81 2.02 18.23
C LYS C 52 18.91 0.57 17.77
N VAL C 53 19.06 0.32 16.50
CA VAL C 53 19.21 -1.05 16.01
C VAL C 53 20.61 -1.59 16.07
N GLY C 54 21.54 -0.83 16.67
CA GLY C 54 22.90 -1.32 16.84
C GLY C 54 23.78 -1.24 15.70
N GLN C 55 23.45 -0.27 14.82
CA GLN C 55 24.14 0.01 13.59
CA GLN C 55 24.34 0.05 13.64
C GLN C 55 24.51 1.51 13.59
N PRO C 56 25.23 2.02 14.58
CA PRO C 56 25.34 3.49 14.75
C PRO C 56 25.99 4.18 13.53
N LYS C 57 25.44 5.32 13.18
CA LYS C 57 25.94 6.21 12.16
C LYS C 57 26.11 7.54 12.85
N THR C 58 27.00 8.39 12.34
CA THR C 58 27.04 9.76 12.77
C THR C 58 26.03 10.58 12.07
N LEU C 59 25.60 11.69 12.65
CA LEU C 59 24.77 12.59 12.03
C LEU C 59 25.32 13.07 10.72
N ASN C 60 26.65 13.44 10.76
CA ASN C 60 27.28 13.90 9.57
C ASN C 60 27.26 12.94 8.42
N GLU C 61 27.40 11.67 8.71
CA GLU C 61 27.30 10.66 7.67
CA GLU C 61 27.39 10.66 7.64
C GLU C 61 26.01 10.58 6.98
N ILE C 62 24.97 10.66 7.80
CA ILE C 62 23.59 10.67 7.25
CA ILE C 62 23.62 10.70 7.22
C ILE C 62 23.43 11.88 6.41
N LYS C 63 23.85 13.07 6.92
CA LYS C 63 23.70 14.32 6.12
C LYS C 63 24.46 14.27 4.82
N ARG C 64 25.64 13.63 4.76
CA ARG C 64 26.33 13.48 3.49
CA ARG C 64 26.34 13.51 3.51
C ARG C 64 25.58 12.66 2.46
N ILE C 65 25.01 11.55 2.94
CA ILE C 65 24.21 10.72 2.03
C ILE C 65 23.06 11.54 1.43
N LEU C 66 22.42 12.35 2.23
CA LEU C 66 21.25 13.16 1.83
C LEU C 66 21.62 14.43 1.13
N SER C 67 22.89 14.73 0.90
CA SER C 67 23.21 16.06 0.38
C SER C 67 23.12 16.08 -1.08
N HIS D 5 -0.38 20.01 11.07
CA HIS D 5 -1.27 18.85 10.91
C HIS D 5 -1.06 17.88 12.07
N SER D 6 -1.90 17.96 13.10
CA SER D 6 -1.92 16.92 14.14
C SER D 6 -2.23 15.60 13.53
N GLU D 7 -2.07 14.53 14.31
CA GLU D 7 -2.37 13.23 13.74
C GLU D 7 -3.88 13.11 13.42
N ARG D 8 -4.71 13.68 14.31
CA ARG D 8 -6.12 13.65 14.08
C ARG D 8 -6.45 14.44 12.82
N GLU D 9 -5.91 15.58 12.54
CA GLU D 9 -6.12 16.34 11.31
CA GLU D 9 -6.06 16.37 11.30
C GLU D 9 -5.65 15.58 10.06
N LYS D 10 -4.60 14.81 10.16
CA LYS D 10 -4.24 13.98 9.02
C LYS D 10 -5.18 12.78 8.73
N ARG D 11 -5.67 12.14 9.76
CA ARG D 11 -6.71 11.12 9.60
C ARG D 11 -7.91 11.75 8.85
N VAL D 12 -8.39 12.96 9.28
CA VAL D 12 -9.53 13.58 8.59
C VAL D 12 -9.22 13.87 7.17
N SER D 13 -8.07 14.46 6.89
CA SER D 13 -7.70 14.76 5.53
CA SER D 13 -7.71 14.78 5.49
C SER D 13 -7.63 13.52 4.66
N ASN D 14 -7.08 12.45 5.23
CA ASN D 14 -7.04 11.24 4.41
CA ASN D 14 -7.06 11.21 4.52
C ASN D 14 -8.47 10.72 4.08
N ALA D 15 -9.35 10.80 5.03
CA ALA D 15 -10.79 10.43 4.85
C ALA D 15 -11.46 11.24 3.75
N VAL D 16 -11.12 12.59 3.75
CA VAL D 16 -11.69 13.43 2.72
C VAL D 16 -11.35 13.05 1.35
N GLU D 17 -10.04 12.84 1.09
CA GLU D 17 -9.59 12.41 -0.26
CA GLU D 17 -9.71 12.51 -0.21
C GLU D 17 -10.27 11.08 -0.61
N PHE D 18 -10.32 10.16 0.35
CA PHE D 18 -10.99 8.84 0.12
C PHE D 18 -12.45 9.11 -0.36
N LEU D 19 -13.21 9.98 0.32
CA LEU D 19 -14.60 10.16 0.08
C LEU D 19 -14.94 10.75 -1.24
N LEU D 20 -13.93 11.56 -1.73
CA LEU D 20 -14.10 12.14 -3.06
C LEU D 20 -13.74 11.29 -4.22
N ASP D 21 -13.15 10.11 -3.94
CA ASP D 21 -12.76 9.26 -5.07
C ASP D 21 -14.02 8.77 -5.81
N SER D 22 -13.99 8.78 -7.19
CA SER D 22 -15.29 8.51 -7.95
C SER D 22 -15.97 7.00 -7.89
N ARG D 23 -15.14 6.09 -7.54
CA ARG D 23 -15.90 4.79 -7.11
C ARG D 23 -16.44 4.82 -5.74
N VAL D 24 -15.63 5.35 -4.91
CA VAL D 24 -16.11 5.52 -3.53
C VAL D 24 -17.48 6.21 -3.41
N ARG D 25 -17.72 7.36 -4.08
CA ARG D 25 -19.04 7.99 -4.02
CA ARG D 25 -19.07 7.97 -4.05
C ARG D 25 -20.23 7.02 -4.24
N ARG D 26 -20.12 6.01 -5.08
CA ARG D 26 -21.12 5.05 -5.32
C ARG D 26 -21.36 3.94 -4.27
N THR D 27 -20.41 3.81 -3.34
CA THR D 27 -20.34 2.77 -2.37
C THR D 27 -21.21 3.21 -1.12
N PRO D 28 -21.91 2.30 -0.48
CA PRO D 28 -22.83 2.75 0.64
C PRO D 28 -22.03 3.40 1.73
N THR D 29 -22.80 4.39 2.33
CA THR D 29 -22.27 5.10 3.48
C THR D 29 -21.76 4.15 4.50
N SER D 30 -22.54 3.15 4.89
CA SER D 30 -22.10 2.25 5.94
C SER D 30 -20.73 1.53 5.63
N SER D 31 -20.60 1.12 4.40
CA SER D 31 -19.31 0.49 4.02
C SER D 31 -18.12 1.43 4.16
N LYS D 32 -18.38 2.70 3.78
CA LYS D 32 -17.37 3.75 3.90
CA LYS D 32 -17.36 3.76 4.00
C LYS D 32 -17.04 3.99 5.40
N VAL D 33 -18.05 4.03 6.27
CA VAL D 33 -17.86 4.25 7.68
C VAL D 33 -17.02 3.11 8.26
N HIS D 34 -17.44 1.86 8.05
CA HIS D 34 -16.64 0.72 8.56
C HIS D 34 -15.24 0.72 8.09
N PHE D 35 -15.04 1.06 6.80
CA PHE D 35 -13.70 1.24 6.29
C PHE D 35 -12.92 2.22 7.04
N LEU D 36 -13.50 3.45 7.22
CA LEU D 36 -12.73 4.50 7.92
C LEU D 36 -12.47 4.15 9.34
N LYS D 37 -13.29 3.48 10.01
CA LYS D 37 -13.05 2.97 11.35
C LYS D 37 -11.81 2.02 11.29
N SER D 38 -11.76 1.15 10.29
CA SER D 38 -10.71 0.19 10.16
C SER D 38 -9.40 0.86 9.94
N LYS D 39 -9.34 2.08 9.44
CA LYS D 39 -8.14 2.89 9.29
CA LYS D 39 -8.14 2.92 9.31
C LYS D 39 -7.85 3.70 10.55
N GLY D 40 -8.61 3.59 11.61
CA GLY D 40 -8.28 4.17 12.90
C GLY D 40 -8.92 5.51 13.13
N LEU D 41 -9.95 5.89 12.36
CA LEU D 41 -10.74 7.07 12.66
C LEU D 41 -11.74 6.82 13.66
N SER D 42 -12.04 7.89 14.44
CA SER D 42 -13.10 7.83 15.40
C SER D 42 -14.44 8.31 14.71
N ALA D 43 -15.55 8.09 15.34
CA ALA D 43 -16.83 8.51 14.81
C ALA D 43 -16.84 10.02 14.46
N GLU D 44 -16.24 10.84 15.35
CA GLU D 44 -16.28 12.27 15.07
C GLU D 44 -15.39 12.61 13.91
N GLU D 45 -14.24 11.96 13.77
CA GLU D 45 -13.42 12.24 12.70
C GLU D 45 -14.15 11.95 11.37
N ILE D 46 -14.75 10.74 11.32
CA ILE D 46 -15.47 10.29 10.11
C ILE D 46 -16.59 11.33 9.79
N CYS D 47 -17.33 11.73 10.82
CA CYS D 47 -18.37 12.75 10.66
C CYS D 47 -17.87 13.98 10.02
N GLU D 48 -16.76 14.45 10.55
CA GLU D 48 -16.18 15.69 10.07
C GLU D 48 -15.78 15.62 8.62
N ALA D 49 -15.22 14.45 8.24
CA ALA D 49 -14.82 14.29 6.87
C ALA D 49 -16.00 14.34 5.82
N PHE D 50 -17.14 13.69 6.26
CA PHE D 50 -18.29 13.73 5.43
C PHE D 50 -18.78 15.23 5.16
N THR D 51 -18.71 16.03 6.27
CA THR D 51 -19.14 17.44 6.12
C THR D 51 -18.19 18.20 5.20
N LYS D 52 -16.88 17.89 5.27
CA LYS D 52 -15.89 18.56 4.43
CA LYS D 52 -15.90 18.58 4.49
C LYS D 52 -16.08 18.38 3.01
N VAL D 53 -16.70 17.25 2.61
CA VAL D 53 -16.96 17.00 1.19
CA VAL D 53 -16.97 16.98 1.25
C VAL D 53 -18.37 17.32 0.81
N GLY D 54 -19.20 17.98 1.72
CA GLY D 54 -20.50 18.34 1.38
C GLY D 54 -21.43 17.14 1.24
N GLN D 55 -21.14 16.13 1.99
CA GLN D 55 -22.03 14.94 2.07
C GLN D 55 -22.39 14.70 3.56
N PRO D 56 -22.99 15.69 4.21
CA PRO D 56 -23.06 15.69 5.64
C PRO D 56 -23.84 14.49 6.23
N LYS D 57 -23.35 14.00 7.33
CA LYS D 57 -23.99 12.97 8.13
C LYS D 57 -24.08 13.54 9.52
N THR D 58 -25.05 13.07 10.31
CA THR D 58 -25.04 13.37 11.75
C THR D 58 -24.09 12.51 12.48
N LEU D 59 -23.54 12.96 13.60
CA LEU D 59 -22.74 12.17 14.43
C LEU D 59 -23.48 10.90 14.88
N ASN D 60 -24.73 11.09 15.20
CA ASN D 60 -25.58 9.92 15.65
C ASN D 60 -25.71 8.87 14.59
N GLU D 61 -25.85 9.23 13.30
CA GLU D 61 -25.95 8.25 12.22
CA GLU D 61 -25.88 8.32 12.19
C GLU D 61 -24.64 7.47 12.13
N ILE D 62 -23.50 8.11 12.26
CA ILE D 62 -22.17 7.42 12.20
CA ILE D 62 -22.23 7.37 12.18
C ILE D 62 -22.09 6.44 13.36
N LYS D 63 -22.48 6.94 14.53
CA LYS D 63 -22.37 6.05 15.70
C LYS D 63 -23.27 4.84 15.55
N ARG D 64 -24.46 5.03 15.02
CA ARG D 64 -25.33 3.90 14.81
C ARG D 64 -24.74 2.88 13.92
N ILE D 65 -24.10 3.27 12.84
CA ILE D 65 -23.42 2.33 11.95
C ILE D 65 -22.36 1.52 12.64
N LEU D 66 -21.60 2.17 13.50
CA LEU D 66 -20.51 1.53 14.24
C LEU D 66 -20.96 0.84 15.49
N SER D 67 -22.20 0.84 15.86
CA SER D 67 -22.60 0.33 17.13
C SER D 67 -22.56 -1.18 16.98
#